data_9HHW
#
_entry.id   9HHW
#
_cell.length_a   49.641
_cell.length_b   39.954
_cell.length_c   166.667
_cell.angle_alpha   90.00
_cell.angle_beta   93.30
_cell.angle_gamma   90.00
#
_symmetry.space_group_name_H-M   'I 1 2 1'
#
loop_
_entity.id
_entity.type
_entity.pdbx_description
1 polymer 'Tau-tubulin kinase 1'
2 non-polymer ~{N}-[2-(1~{H}-pyrrolo[2,3-b]pyridin-5-yl)phenyl]propanamide
3 water water
#
_entity_poly.entity_id   1
_entity_poly.type   'polypeptide(L)'
_entity_poly.pdbx_seq_one_letter_code
;MNMSGGGEQADILPANYVVKDRWKVLKKIGGGGFGEIYEAMDLLTRENVALKVESAQQPKQVLKMEVAVLKKLQGKDHVC
RFIGCGRNEKFNYVVMQLQGRNLADLRRSQPRGTFTLSTTLRLGKQILESIEAIHSVGFLHRDIKPSNFAMGRLPSTYRK
CYMLDFGLARQYTNTTGDVRPPRNVAGFRGTVRYASVNAHKNREMGRHDDLWSLFYMLVEFAVGQLPWRKIKDKEQVGMI
KEKYEHRMLLKHMPSEFHLFLDHIASLDYFTKPDYQLIMSVFENSMKERGIAENEAFDWEKAGTDALLS
;
_entity_poly.pdbx_strand_id   A
#
# COMPACT_ATOMS: atom_id res chain seq x y z
N ALA A 10 12.69 23.19 8.73
CA ALA A 10 11.32 23.32 8.18
C ALA A 10 10.44 22.16 8.67
N ASP A 11 10.56 21.85 9.97
CA ASP A 11 9.80 20.78 10.62
C ASP A 11 8.61 21.37 11.36
N ILE A 12 7.44 20.78 11.11
CA ILE A 12 6.15 21.31 11.50
C ILE A 12 6.07 21.32 13.03
N LEU A 13 6.48 20.22 13.66
CA LEU A 13 6.64 20.16 15.11
C LEU A 13 8.10 19.86 15.44
N PRO A 14 8.64 20.50 16.51
CA PRO A 14 9.92 20.11 17.07
C PRO A 14 9.64 19.05 18.13
N ALA A 15 10.72 18.41 18.58
CA ALA A 15 10.64 17.35 19.57
C ALA A 15 10.11 17.91 20.87
N ASN A 16 9.46 17.03 21.65
CA ASN A 16 8.94 17.33 22.97
C ASN A 16 7.76 18.30 22.87
N TYR A 17 7.32 18.62 21.65
CA TYR A 17 6.05 19.30 21.47
C TYR A 17 4.95 18.36 21.96
N VAL A 18 3.87 18.91 22.54
CA VAL A 18 2.76 18.09 23.02
C VAL A 18 1.46 18.51 22.35
N VAL A 19 0.86 17.59 21.57
CA VAL A 19 -0.44 17.86 20.97
C VAL A 19 -1.53 17.46 21.97
N LYS A 20 -2.50 18.36 22.23
CA LYS A 20 -3.70 18.10 23.01
C LYS A 20 -3.39 17.39 24.35
N ASP A 21 -2.30 17.79 25.03
CA ASP A 21 -1.93 17.24 26.32
C ASP A 21 -2.07 15.71 26.36
N ARG A 22 -1.53 15.01 25.36
CA ARG A 22 -1.61 13.54 25.31
C ARG A 22 -0.51 12.93 24.43
N TRP A 23 0.01 13.68 23.46
CA TRP A 23 0.93 13.07 22.50
C TRP A 23 2.22 13.89 22.39
N LYS A 24 3.27 13.39 23.07
CA LYS A 24 4.56 14.07 23.12
C LYS A 24 5.42 13.60 21.95
N VAL A 25 5.76 14.53 21.05
CA VAL A 25 6.47 14.15 19.83
C VAL A 25 7.85 13.67 20.23
N LEU A 26 8.28 12.54 19.65
CA LEU A 26 9.56 11.90 19.93
C LEU A 26 10.53 12.12 18.78
N LYS A 27 10.12 11.81 17.56
CA LYS A 27 10.93 12.18 16.43
C LYS A 27 10.09 12.19 15.15
N LYS A 28 10.64 12.87 14.14
CA LYS A 28 10.17 12.73 12.79
C LYS A 28 10.58 11.35 12.33
N ILE A 29 9.73 10.73 11.49
CA ILE A 29 10.03 9.45 10.86
C ILE A 29 9.70 9.51 9.37
N GLY A 30 8.70 10.29 8.97
CA GLY A 30 8.40 10.46 7.56
C GLY A 30 8.33 11.94 7.21
N GLY A 31 8.66 12.26 5.95
CA GLY A 31 8.37 13.55 5.37
C GLY A 31 7.66 13.39 4.04
N GLY A 32 7.64 14.48 3.26
CA GLY A 32 7.17 14.46 1.89
C GLY A 32 6.64 15.83 1.49
N GLY A 33 6.08 15.90 0.29
CA GLY A 33 5.43 17.13 -0.17
C GLY A 33 4.28 17.52 0.76
N PHE A 34 3.49 16.55 1.20
CA PHE A 34 2.13 16.81 1.64
C PHE A 34 1.92 16.45 3.11
N GLY A 35 2.98 16.44 3.91
CA GLY A 35 2.81 16.16 5.32
C GLY A 35 4.06 15.53 5.92
N GLU A 36 4.18 15.64 7.23
CA GLU A 36 5.25 15.02 8.00
C GLU A 36 4.63 13.98 8.93
N ILE A 37 5.37 12.91 9.25
CA ILE A 37 4.91 11.84 10.12
C ILE A 37 5.90 11.69 11.28
N TYR A 38 5.37 11.29 12.45
CA TYR A 38 6.11 11.40 13.69
C TYR A 38 5.77 10.27 14.65
N GLU A 39 6.79 9.86 15.40
CA GLU A 39 6.57 8.96 16.51
C GLU A 39 6.25 9.80 17.73
N ALA A 40 5.16 9.43 18.42
CA ALA A 40 4.79 10.15 19.61
C ALA A 40 4.53 9.18 20.75
N MET A 41 4.97 9.54 21.96
CA MET A 41 4.48 8.81 23.11
C MET A 41 3.09 9.30 23.48
N ASP A 42 2.15 8.35 23.64
CA ASP A 42 0.86 8.65 24.27
C ASP A 42 1.12 8.81 25.76
N LEU A 43 0.70 9.94 26.32
CA LEU A 43 0.94 10.22 27.73
C LEU A 43 -0.23 9.68 28.56
N LEU A 44 -1.37 9.44 27.92
CA LEU A 44 -2.48 8.83 28.63
C LEU A 44 -2.17 7.35 28.80
N THR A 45 -1.98 6.64 27.66
CA THR A 45 -1.97 5.17 27.64
C THR A 45 -0.54 4.62 27.52
N ARG A 46 0.46 5.49 27.26
CA ARG A 46 1.86 5.18 27.53
C ARG A 46 2.44 4.37 26.40
N GLU A 47 1.59 4.01 25.42
CA GLU A 47 2.09 3.35 24.22
C GLU A 47 2.57 4.46 23.29
N ASN A 48 3.40 4.10 22.33
CA ASN A 48 3.77 5.03 21.28
C ASN A 48 2.79 4.89 20.13
N VAL A 49 2.94 5.83 19.18
CA VAL A 49 1.90 6.03 18.20
C VAL A 49 2.46 6.87 17.06
N ALA A 50 1.83 6.63 15.91
CA ALA A 50 2.07 7.37 14.70
C ALA A 50 1.19 8.62 14.66
N LEU A 51 1.83 9.78 14.72
CA LEU A 51 1.15 11.06 14.58
C LEU A 51 1.49 11.67 13.21
N LYS A 52 0.51 11.73 12.30
CA LYS A 52 0.74 12.38 11.01
C LYS A 52 0.14 13.77 11.07
N VAL A 53 0.74 14.70 10.31
CA VAL A 53 0.39 16.13 10.42
C VAL A 53 0.49 16.81 9.05
N GLU A 54 -0.40 17.81 8.89
CA GLU A 54 -0.58 18.57 7.67
C GLU A 54 -0.64 20.04 8.06
N SER A 55 0.08 20.88 7.34
CA SER A 55 0.05 22.30 7.67
C SER A 55 -1.37 22.83 7.50
N ALA A 56 -1.77 23.74 8.37
CA ALA A 56 -3.09 24.35 8.27
C ALA A 56 -3.21 25.14 6.98
N GLN A 57 -2.13 25.79 6.56
CA GLN A 57 -2.18 26.66 5.40
C GLN A 57 -1.97 25.86 4.11
N GLN A 58 -1.21 24.75 4.21
CA GLN A 58 -0.89 23.93 3.04
C GLN A 58 -2.09 23.90 2.09
N PRO A 59 -1.86 24.20 0.78
CA PRO A 59 -2.91 24.20 -0.23
C PRO A 59 -3.72 22.90 -0.38
N LYS A 60 -3.01 21.78 -0.48
CA LYS A 60 -3.61 20.48 -0.78
C LYS A 60 -4.04 19.78 0.51
N GLN A 61 -5.24 20.13 1.01
CA GLN A 61 -5.72 19.64 2.29
C GLN A 61 -6.04 18.16 2.15
N VAL A 62 -5.02 17.31 2.31
CA VAL A 62 -5.13 15.90 2.00
C VAL A 62 -5.47 15.07 3.24
N LEU A 63 -4.77 15.33 4.35
CA LEU A 63 -4.97 14.60 5.60
C LEU A 63 -6.44 14.31 5.86
N LYS A 64 -7.33 15.31 5.77
CA LYS A 64 -8.71 15.09 6.18
C LYS A 64 -9.24 13.85 5.45
N MET A 65 -9.03 13.82 4.13
CA MET A 65 -9.51 12.72 3.31
C MET A 65 -8.85 11.41 3.75
N GLU A 66 -7.56 11.44 4.13
CA GLU A 66 -6.91 10.32 4.79
C GLU A 66 -7.70 9.84 6.02
N VAL A 67 -8.29 10.76 6.79
CA VAL A 67 -8.88 10.34 8.05
C VAL A 67 -10.28 9.76 7.83
N ALA A 68 -10.86 9.99 6.63
CA ALA A 68 -12.18 9.47 6.28
C ALA A 68 -12.10 7.99 5.86
N VAL A 69 -11.10 7.71 5.01
CA VAL A 69 -10.77 6.37 4.61
C VAL A 69 -10.40 5.55 5.85
N LEU A 70 -9.56 6.14 6.72
CA LEU A 70 -9.10 5.44 7.90
C LEU A 70 -10.29 5.08 8.79
N LYS A 71 -11.27 5.99 8.88
CA LYS A 71 -12.46 5.82 9.72
C LYS A 71 -13.44 4.78 9.15
N LYS A 72 -13.65 4.78 7.82
CA LYS A 72 -14.49 3.79 7.17
C LYS A 72 -13.89 2.38 7.27
N LEU A 73 -12.62 2.28 7.65
CA LEU A 73 -11.89 1.03 7.55
C LEU A 73 -11.64 0.46 8.94
N GLN A 74 -11.94 1.26 9.98
CA GLN A 74 -12.03 0.73 11.34
C GLN A 74 -12.97 -0.46 11.30
N GLY A 75 -12.54 -1.58 11.88
CA GLY A 75 -13.28 -2.83 11.81
C GLY A 75 -12.46 -3.85 11.02
N LYS A 76 -11.86 -3.40 9.92
CA LYS A 76 -11.15 -4.28 9.00
C LYS A 76 -9.80 -4.63 9.59
N ASP A 77 -9.20 -5.72 9.10
CA ASP A 77 -7.83 -6.08 9.44
C ASP A 77 -6.92 -5.42 8.41
N HIS A 78 -5.63 -5.25 8.76
CA HIS A 78 -4.63 -4.65 7.87
C HIS A 78 -4.73 -3.12 7.89
N VAL A 79 -5.44 -2.55 8.87
CA VAL A 79 -5.63 -1.11 9.03
C VAL A 79 -5.22 -0.67 10.44
N CYS A 80 -4.41 0.39 10.57
CA CYS A 80 -4.04 0.91 11.88
C CYS A 80 -5.29 1.35 12.63
N ARG A 81 -5.31 1.08 13.94
CA ARG A 81 -6.37 1.56 14.79
C ARG A 81 -6.33 3.09 14.81
N PHE A 82 -7.50 3.70 14.58
CA PHE A 82 -7.67 5.15 14.63
C PHE A 82 -7.77 5.61 16.09
N ILE A 83 -6.86 6.50 16.49
CA ILE A 83 -6.77 6.99 17.87
C ILE A 83 -7.51 8.31 17.98
N GLY A 84 -7.07 9.31 17.21
CA GLY A 84 -7.72 10.60 17.25
C GLY A 84 -7.32 11.44 16.04
N CYS A 85 -8.04 12.56 15.85
CA CYS A 85 -7.68 13.59 14.89
C CYS A 85 -8.04 14.94 15.47
N GLY A 86 -7.43 15.98 14.95
CA GLY A 86 -7.77 17.33 15.36
C GLY A 86 -7.04 18.36 14.53
N ARG A 87 -7.56 19.59 14.56
CA ARG A 87 -7.01 20.67 13.76
C ARG A 87 -6.81 21.86 14.68
N ASN A 88 -5.75 22.63 14.44
CA ASN A 88 -5.61 23.95 15.02
C ASN A 88 -4.78 24.82 14.07
N GLU A 89 -4.63 26.10 14.43
CA GLU A 89 -4.30 27.15 13.47
C GLU A 89 -2.83 27.10 13.06
N LYS A 90 -2.20 25.93 13.13
CA LYS A 90 -0.84 25.75 12.62
C LYS A 90 -0.73 24.47 11.78
N PHE A 91 -1.61 23.49 12.07
CA PHE A 91 -1.49 22.14 11.53
C PHE A 91 -2.73 21.34 11.90
N ASN A 92 -3.18 20.48 10.97
CA ASN A 92 -4.16 19.45 11.28
C ASN A 92 -3.41 18.16 11.60
N TYR A 93 -3.98 17.34 12.48
CA TYR A 93 -3.26 16.16 12.94
C TYR A 93 -4.21 14.98 12.93
N VAL A 94 -3.61 13.81 12.78
CA VAL A 94 -4.27 12.52 12.97
C VAL A 94 -3.38 11.66 13.86
N VAL A 95 -4.01 10.85 14.70
CA VAL A 95 -3.27 9.97 15.59
C VAL A 95 -3.73 8.56 15.21
N MET A 96 -2.75 7.65 15.08
CA MET A 96 -3.04 6.25 14.83
C MET A 96 -1.90 5.37 15.35
N GLN A 97 -2.23 4.09 15.44
CA GLN A 97 -1.32 3.03 15.83
C GLN A 97 -0.03 3.02 15.02
N LEU A 98 1.08 2.74 15.68
CA LEU A 98 2.38 2.65 15.04
C LEU A 98 2.69 1.22 14.60
N GLN A 99 3.37 1.06 13.47
CA GLN A 99 3.62 -0.28 12.94
C GLN A 99 5.11 -0.49 12.73
N GLY A 100 5.50 -1.71 12.35
CA GLY A 100 6.89 -2.12 12.28
C GLY A 100 7.50 -2.00 10.89
N ARG A 101 8.59 -2.74 10.66
CA ARG A 101 9.38 -2.53 9.47
C ARG A 101 8.46 -2.62 8.25
N ASN A 102 8.72 -1.76 7.25
CA ASN A 102 7.98 -1.79 5.99
C ASN A 102 8.62 -2.80 5.06
N LEU A 103 7.92 -3.10 3.95
CA LEU A 103 8.27 -4.22 3.10
C LEU A 103 9.49 -3.87 2.25
N ALA A 104 9.54 -2.66 1.69
CA ALA A 104 10.72 -2.18 1.00
C ALA A 104 12.00 -2.46 1.80
N ASP A 105 11.99 -2.07 3.09
CA ASP A 105 13.15 -2.15 3.95
C ASP A 105 13.48 -3.60 4.26
N LEU A 106 12.46 -4.44 4.49
CA LEU A 106 12.70 -5.85 4.72
C LEU A 106 13.23 -6.55 3.46
N ARG A 107 12.70 -6.17 2.29
CA ARG A 107 13.12 -6.73 1.02
C ARG A 107 14.59 -6.46 0.75
N ARG A 108 15.05 -5.23 1.04
CA ARG A 108 16.45 -4.87 0.87
C ARG A 108 17.33 -5.65 1.84
N SER A 109 16.80 -5.98 3.04
CA SER A 109 17.55 -6.70 4.06
C SER A 109 17.89 -8.11 3.62
N GLN A 110 17.07 -8.65 2.69
CA GLN A 110 17.28 -10.01 2.22
C GLN A 110 18.59 -10.06 1.45
N PRO A 111 19.43 -11.08 1.73
CA PRO A 111 20.68 -11.28 0.99
C PRO A 111 20.57 -10.99 -0.51
N ARG A 112 19.58 -11.59 -1.17
CA ARG A 112 19.53 -11.47 -2.62
C ARG A 112 18.51 -10.41 -3.02
N GLY A 113 17.95 -9.69 -2.04
CA GLY A 113 16.88 -8.75 -2.31
C GLY A 113 15.63 -9.47 -2.79
N THR A 114 15.40 -10.68 -2.29
CA THR A 114 14.26 -11.49 -2.71
C THR A 114 13.73 -12.23 -1.49
N PHE A 115 12.40 -12.30 -1.40
CA PHE A 115 11.71 -13.12 -0.43
C PHE A 115 11.57 -14.49 -1.08
N THR A 116 11.45 -15.53 -0.24
CA THR A 116 11.08 -16.87 -0.69
C THR A 116 9.74 -16.77 -1.41
N LEU A 117 9.28 -17.88 -1.99
CA LEU A 117 7.91 -17.90 -2.50
C LEU A 117 6.94 -18.06 -1.35
N SER A 118 7.40 -18.61 -0.22
CA SER A 118 6.58 -18.77 0.98
C SER A 118 6.07 -17.42 1.48
N THR A 119 7.05 -16.52 1.67
CA THR A 119 6.79 -15.21 2.26
C THR A 119 6.05 -14.33 1.27
N THR A 120 6.48 -14.38 0.00
CA THR A 120 5.80 -13.67 -1.07
C THR A 120 4.32 -14.07 -1.14
N LEU A 121 4.01 -15.37 -1.20
CA LEU A 121 2.64 -15.75 -1.46
C LEU A 121 1.77 -15.36 -0.28
N ARG A 122 2.35 -15.42 0.92
CA ARG A 122 1.63 -15.08 2.13
C ARG A 122 1.38 -13.58 2.19
N LEU A 123 2.43 -12.76 1.97
CA LEU A 123 2.28 -11.32 1.83
C LEU A 123 1.18 -11.04 0.80
N GLY A 124 1.35 -11.57 -0.42
CA GLY A 124 0.32 -11.55 -1.44
C GLY A 124 -1.11 -11.61 -0.88
N LYS A 125 -1.40 -12.63 -0.08
CA LYS A 125 -2.75 -12.84 0.43
C LYS A 125 -3.20 -11.70 1.33
N GLN A 126 -2.26 -11.12 2.08
CA GLN A 126 -2.61 -10.12 3.07
C GLN A 126 -2.73 -8.74 2.43
N ILE A 127 -1.96 -8.52 1.35
CA ILE A 127 -1.99 -7.24 0.68
C ILE A 127 -3.27 -7.17 -0.13
N LEU A 128 -3.60 -8.25 -0.82
CA LEU A 128 -4.83 -8.36 -1.59
C LEU A 128 -6.10 -8.11 -0.76
N GLU A 129 -6.15 -8.56 0.51
CA GLU A 129 -7.27 -8.27 1.41
C GLU A 129 -7.48 -6.76 1.67
N SER A 130 -6.36 -6.12 1.99
CA SER A 130 -6.42 -4.71 2.30
C SER A 130 -6.80 -3.91 1.06
N ILE A 131 -6.49 -4.44 -0.14
CA ILE A 131 -6.91 -3.78 -1.37
C ILE A 131 -8.41 -3.93 -1.56
N GLU A 132 -8.89 -5.18 -1.62
CA GLU A 132 -10.31 -5.45 -1.61
C GLU A 132 -10.98 -4.57 -0.55
N ALA A 133 -10.51 -4.70 0.71
CA ALA A 133 -11.01 -3.89 1.83
C ALA A 133 -11.28 -2.44 1.42
N ILE A 134 -10.27 -1.76 0.91
CA ILE A 134 -10.44 -0.35 0.58
C ILE A 134 -11.37 -0.24 -0.63
N HIS A 135 -11.28 -1.16 -1.60
CA HIS A 135 -12.20 -1.04 -2.72
C HIS A 135 -13.63 -1.08 -2.14
N SER A 136 -13.85 -2.01 -1.20
CA SER A 136 -15.15 -2.22 -0.59
C SER A 136 -15.79 -0.93 -0.06
N VAL A 137 -14.98 0.00 0.47
CA VAL A 137 -15.46 1.28 0.98
C VAL A 137 -15.18 2.40 -0.04
N GLY A 138 -15.16 2.05 -1.33
CA GLY A 138 -15.37 3.02 -2.40
C GLY A 138 -14.15 3.89 -2.68
N PHE A 139 -12.94 3.38 -2.39
CA PHE A 139 -11.69 4.10 -2.63
C PHE A 139 -10.61 3.25 -3.33
N LEU A 140 -9.89 3.88 -4.27
CA LEU A 140 -8.64 3.37 -4.81
C LEU A 140 -7.48 3.82 -3.92
N HIS A 141 -6.42 2.99 -3.75
CA HIS A 141 -5.18 3.45 -3.10
C HIS A 141 -4.31 4.24 -4.08
N ARG A 142 -4.17 3.72 -5.31
CA ARG A 142 -3.46 4.34 -6.42
C ARG A 142 -1.95 4.39 -6.21
N ASP A 143 -1.47 4.38 -4.94
CA ASP A 143 -0.04 4.31 -4.69
C ASP A 143 0.28 3.08 -3.84
N ILE A 144 0.28 1.93 -4.51
CA ILE A 144 0.60 0.63 -3.94
C ILE A 144 2.08 0.35 -4.18
N LYS A 145 2.84 0.25 -3.09
CA LYS A 145 4.24 -0.13 -3.17
C LYS A 145 4.70 -0.79 -1.87
N PRO A 146 5.86 -1.49 -1.93
CA PRO A 146 6.41 -2.14 -0.73
C PRO A 146 6.35 -1.16 0.43
N SER A 147 7.13 -0.08 0.32
CA SER A 147 7.32 0.91 1.36
C SER A 147 6.00 1.47 1.88
N ASN A 148 4.88 1.14 1.20
CA ASN A 148 3.58 1.53 1.71
C ASN A 148 2.93 0.44 2.53
N PHE A 149 3.63 -0.68 2.78
CA PHE A 149 3.12 -1.67 3.72
C PHE A 149 4.19 -2.00 4.76
N ALA A 150 3.72 -2.39 5.93
CA ALA A 150 4.58 -2.70 7.05
C ALA A 150 4.02 -3.85 7.87
N MET A 151 4.82 -4.24 8.85
CA MET A 151 4.47 -5.36 9.69
C MET A 151 4.15 -4.77 11.04
N GLY A 152 3.35 -5.50 11.80
CA GLY A 152 3.14 -5.16 13.20
C GLY A 152 4.41 -5.18 14.05
N ARG A 153 4.24 -4.76 15.29
CA ARG A 153 5.32 -4.69 16.27
C ARG A 153 4.82 -5.21 17.61
N LEU A 154 3.84 -6.10 17.57
CA LEU A 154 3.19 -6.56 18.78
C LEU A 154 3.01 -8.06 18.71
N PRO A 155 3.13 -8.74 19.86
CA PRO A 155 2.66 -10.11 19.99
C PRO A 155 1.46 -10.36 19.09
N SER A 156 0.46 -9.49 19.17
CA SER A 156 -0.81 -9.73 18.49
C SER A 156 -0.78 -9.38 16.99
N THR A 157 0.35 -8.89 16.45
CA THR A 157 0.34 -8.27 15.14
C THR A 157 1.63 -8.56 14.38
N TYR A 158 2.62 -9.13 15.03
CA TYR A 158 3.97 -9.11 14.49
C TYR A 158 4.03 -9.88 13.15
N ARG A 159 3.12 -10.83 12.94
CA ARG A 159 3.04 -11.52 11.66
C ARG A 159 1.92 -10.93 10.79
N LYS A 160 1.57 -9.64 11.00
CA LYS A 160 0.51 -8.96 10.28
C LYS A 160 1.11 -7.82 9.46
N CYS A 161 0.75 -7.81 8.18
CA CYS A 161 1.16 -6.82 7.20
C CYS A 161 0.01 -5.82 7.07
N TYR A 162 0.35 -4.53 7.12
CA TYR A 162 -0.61 -3.43 7.13
C TYR A 162 -0.49 -2.54 5.90
N MET A 163 -1.50 -1.68 5.73
CA MET A 163 -1.57 -0.70 4.65
CA MET A 163 -1.57 -0.70 4.65
C MET A 163 -1.40 0.69 5.24
N LEU A 164 -0.51 1.48 4.63
CA LEU A 164 -0.23 2.84 5.04
C LEU A 164 -0.56 3.79 3.90
N ASP A 165 -0.71 5.07 4.27
CA ASP A 165 -0.99 6.17 3.35
C ASP A 165 -2.33 5.95 2.67
N PHE A 166 -3.17 6.98 2.74
CA PHE A 166 -4.30 7.15 1.84
C PHE A 166 -4.17 8.51 1.19
N GLY A 167 -2.97 9.09 1.24
CA GLY A 167 -2.73 10.37 0.64
C GLY A 167 -3.30 10.42 -0.77
N LEU A 168 -2.92 9.46 -1.63
CA LEU A 168 -3.24 9.62 -3.03
C LEU A 168 -4.60 8.99 -3.35
N ALA A 169 -5.30 8.56 -2.31
CA ALA A 169 -6.57 7.86 -2.48
C ALA A 169 -7.62 8.74 -3.15
N ARG A 170 -8.56 8.08 -3.86
CA ARG A 170 -9.65 8.76 -4.56
C ARG A 170 -10.88 7.88 -4.44
N GLN A 171 -12.03 8.50 -4.27
CA GLN A 171 -13.26 7.75 -4.27
C GLN A 171 -13.70 7.48 -5.70
N TYR A 172 -14.14 6.24 -5.97
CA TYR A 172 -14.63 5.91 -7.30
C TYR A 172 -16.16 5.73 -7.33
N THR A 173 -16.78 5.59 -6.15
CA THR A 173 -18.23 5.50 -6.10
C THR A 173 -18.80 6.88 -5.84
N ASN A 174 -20.10 6.88 -5.50
CA ASN A 174 -20.85 8.04 -5.06
C ASN A 174 -21.58 7.67 -3.75
N THR A 175 -22.30 8.64 -3.18
CA THR A 175 -22.99 8.50 -1.90
C THR A 175 -23.69 7.15 -1.80
N THR A 176 -24.43 6.79 -2.85
CA THR A 176 -25.13 5.51 -2.92
C THR A 176 -24.09 4.41 -3.09
N GLY A 177 -23.73 4.11 -4.33
CA GLY A 177 -22.77 3.05 -4.60
C GLY A 177 -22.59 2.80 -6.08
N ASP A 178 -22.69 3.86 -6.89
CA ASP A 178 -22.50 3.76 -8.33
C ASP A 178 -21.06 4.15 -8.64
N VAL A 179 -20.60 3.86 -9.85
CA VAL A 179 -19.24 4.15 -10.23
C VAL A 179 -19.22 5.57 -10.78
N ARG A 180 -18.43 6.44 -10.12
CA ARG A 180 -18.21 7.79 -10.59
C ARG A 180 -17.71 7.69 -12.04
N PRO A 181 -18.06 8.62 -12.94
CA PRO A 181 -17.56 8.61 -14.30
C PRO A 181 -16.09 9.00 -14.31
N PRO A 182 -15.36 8.45 -15.28
CA PRO A 182 -13.91 8.61 -15.30
C PRO A 182 -13.68 9.97 -15.92
N ARG A 183 -12.55 10.60 -15.58
CA ARG A 183 -12.08 11.78 -16.29
C ARG A 183 -11.53 11.33 -17.62
N ASN A 184 -11.67 12.21 -18.61
CA ASN A 184 -11.08 12.00 -19.90
C ASN A 184 -9.55 12.07 -19.81
N VAL A 185 -9.01 12.79 -18.82
CA VAL A 185 -7.60 12.66 -18.45
C VAL A 185 -7.47 12.74 -16.93
N ALA A 186 -6.41 12.13 -16.41
CA ALA A 186 -6.08 12.23 -15.00
C ALA A 186 -4.63 11.79 -14.78
N GLY A 187 -3.81 12.80 -14.39
CA GLY A 187 -2.37 12.75 -14.48
C GLY A 187 -1.72 11.94 -13.36
N PHE A 188 -1.00 10.88 -13.73
CA PHE A 188 -0.46 9.98 -12.73
C PHE A 188 0.32 10.82 -11.73
N ARG A 189 0.14 10.51 -10.43
CA ARG A 189 0.76 11.28 -9.38
C ARG A 189 1.39 10.34 -8.35
N GLY A 190 2.12 9.30 -8.78
CA GLY A 190 2.56 8.27 -7.85
C GLY A 190 3.98 7.77 -8.12
N THR A 191 4.20 6.47 -7.85
CA THR A 191 5.51 5.84 -7.91
C THR A 191 5.57 4.97 -9.16
N VAL A 192 6.62 5.17 -9.94
CA VAL A 192 6.59 4.68 -11.31
C VAL A 192 6.63 3.14 -11.31
N ARG A 193 7.55 2.55 -10.55
CA ARG A 193 7.91 1.16 -10.69
C ARG A 193 6.69 0.23 -10.68
N TYR A 194 5.63 0.59 -9.95
CA TYR A 194 4.49 -0.29 -9.75
C TYR A 194 3.23 0.31 -10.39
N ALA A 195 3.44 1.23 -11.33
CA ALA A 195 2.36 1.92 -12.01
C ALA A 195 1.85 1.08 -13.18
N SER A 196 0.54 0.97 -13.33
CA SER A 196 -0.05 0.32 -14.49
C SER A 196 0.31 1.06 -15.78
N VAL A 197 -0.03 0.49 -16.92
CA VAL A 197 0.08 1.22 -18.17
C VAL A 197 -1.09 2.19 -18.25
N ASN A 198 -2.20 1.88 -17.58
CA ASN A 198 -3.27 2.86 -17.54
C ASN A 198 -2.70 4.18 -17.04
N ALA A 199 -1.95 4.12 -15.94
CA ALA A 199 -1.50 5.31 -15.27
C ALA A 199 -0.46 5.99 -16.16
N HIS A 200 0.39 5.20 -16.80
CA HIS A 200 1.39 5.79 -17.66
C HIS A 200 0.71 6.59 -18.78
N LYS A 201 -0.43 6.08 -19.28
CA LYS A 201 -1.15 6.73 -20.36
C LYS A 201 -2.01 7.89 -19.82
N ASN A 202 -1.86 8.19 -18.52
CA ASN A 202 -2.53 9.28 -17.82
C ASN A 202 -4.05 9.12 -17.96
N ARG A 203 -4.52 7.88 -17.85
CA ARG A 203 -5.94 7.56 -17.80
C ARG A 203 -6.36 7.27 -16.35
N GLU A 204 -7.61 7.63 -16.05
CA GLU A 204 -8.19 7.46 -14.74
C GLU A 204 -8.03 6.01 -14.29
N MET A 205 -7.53 5.89 -13.05
CA MET A 205 -7.11 4.61 -12.50
C MET A 205 -8.34 3.86 -11.95
N GLY A 206 -8.29 2.53 -12.05
CA GLY A 206 -9.33 1.66 -11.52
C GLY A 206 -8.83 0.81 -10.35
N ARG A 207 -9.72 -0.07 -9.88
CA ARG A 207 -9.38 -1.09 -8.92
C ARG A 207 -8.41 -2.07 -9.54
N HIS A 208 -8.49 -2.23 -10.87
CA HIS A 208 -7.54 -3.11 -11.52
C HIS A 208 -6.13 -2.50 -11.46
N ASP A 209 -6.05 -1.17 -11.38
CA ASP A 209 -4.73 -0.56 -11.39
C ASP A 209 -4.08 -0.72 -10.02
N ASP A 210 -4.87 -0.82 -8.94
CA ASP A 210 -4.28 -1.17 -7.65
C ASP A 210 -3.82 -2.62 -7.67
N LEU A 211 -4.40 -3.42 -8.57
CA LEU A 211 -4.04 -4.83 -8.72
C LEU A 211 -2.89 -5.02 -9.72
N TRP A 212 -2.73 -4.14 -10.70
CA TRP A 212 -1.49 -4.19 -11.44
C TRP A 212 -0.31 -4.02 -10.49
N SER A 213 -0.38 -2.96 -9.66
CA SER A 213 0.64 -2.65 -8.67
C SER A 213 1.00 -3.88 -7.83
N LEU A 214 -0.04 -4.55 -7.34
CA LEU A 214 0.15 -5.73 -6.55
C LEU A 214 0.94 -6.77 -7.34
N PHE A 215 0.64 -6.88 -8.64
CA PHE A 215 1.22 -7.92 -9.48
C PHE A 215 2.72 -7.73 -9.55
N TYR A 216 3.14 -6.50 -9.87
CA TYR A 216 4.52 -6.12 -10.03
C TYR A 216 5.29 -6.17 -8.71
N MET A 217 4.65 -5.83 -7.59
CA MET A 217 5.27 -5.97 -6.29
C MET A 217 5.75 -7.40 -6.03
N LEU A 218 4.91 -8.38 -6.35
CA LEU A 218 5.21 -9.78 -6.04
C LEU A 218 6.37 -10.26 -6.92
N VAL A 219 6.24 -10.06 -8.24
CA VAL A 219 7.28 -10.38 -9.21
C VAL A 219 8.66 -9.94 -8.70
N GLU A 220 8.73 -8.73 -8.15
CA GLU A 220 9.98 -8.23 -7.62
C GLU A 220 10.35 -8.93 -6.32
N PHE A 221 9.39 -9.30 -5.45
CA PHE A 221 9.70 -10.04 -4.24
C PHE A 221 10.27 -11.44 -4.53
N ALA A 222 9.82 -12.06 -5.61
CA ALA A 222 10.29 -13.40 -5.88
C ALA A 222 11.58 -13.26 -6.66
N VAL A 223 11.47 -12.66 -7.85
CA VAL A 223 12.57 -12.60 -8.80
C VAL A 223 13.69 -11.69 -8.28
N GLY A 224 13.36 -10.59 -7.59
CA GLY A 224 14.37 -9.78 -6.92
C GLY A 224 14.69 -8.47 -7.64
N GLN A 225 14.04 -8.28 -8.81
CA GLN A 225 14.24 -7.13 -9.68
C GLN A 225 13.12 -7.07 -10.71
N LEU A 226 12.91 -5.88 -11.28
CA LEU A 226 12.01 -5.72 -12.42
C LEU A 226 12.82 -5.28 -13.63
N PRO A 227 12.38 -5.53 -14.89
CA PRO A 227 13.12 -5.09 -16.09
C PRO A 227 13.62 -3.65 -16.05
N TRP A 228 12.76 -2.74 -15.59
CA TRP A 228 12.99 -1.30 -15.65
C TRP A 228 13.56 -0.74 -14.35
N ARG A 229 13.76 -1.56 -13.31
CA ARG A 229 14.08 -1.08 -11.97
C ARG A 229 15.07 0.09 -11.97
N LYS A 230 15.95 0.19 -12.98
CA LYS A 230 17.04 1.15 -12.99
C LYS A 230 16.56 2.53 -13.48
N ILE A 231 15.55 2.55 -14.35
CA ILE A 231 15.09 3.76 -15.01
C ILE A 231 14.26 4.58 -14.01
N LYS A 232 14.28 5.91 -14.13
CA LYS A 232 13.45 6.78 -13.30
C LYS A 232 12.65 7.76 -14.15
N ASP A 233 12.85 7.76 -15.47
CA ASP A 233 12.02 8.48 -16.41
C ASP A 233 10.64 7.80 -16.51
N LYS A 234 9.62 8.50 -16.01
CA LYS A 234 8.24 8.04 -16.02
C LYS A 234 7.83 7.63 -17.43
N GLU A 235 8.23 8.43 -18.42
CA GLU A 235 7.82 8.18 -19.80
C GLU A 235 8.51 6.95 -20.35
N GLN A 236 9.83 6.82 -20.14
CA GLN A 236 10.54 5.64 -20.62
C GLN A 236 9.84 4.38 -20.11
N VAL A 237 9.82 4.26 -18.78
CA VAL A 237 9.32 3.09 -18.07
C VAL A 237 8.06 2.61 -18.76
N GLY A 238 7.07 3.50 -18.88
CA GLY A 238 5.82 3.19 -19.57
C GLY A 238 6.07 2.50 -20.92
N MET A 239 6.94 3.10 -21.74
CA MET A 239 7.17 2.63 -23.10
C MET A 239 7.72 1.19 -23.08
N ILE A 240 8.52 0.89 -22.05
CA ILE A 240 9.08 -0.43 -21.86
C ILE A 240 7.97 -1.39 -21.43
N LYS A 241 7.21 -0.98 -20.39
CA LYS A 241 6.08 -1.75 -19.87
C LYS A 241 4.99 -1.92 -20.92
N GLU A 242 4.92 -0.96 -21.86
CA GLU A 242 3.88 -1.01 -22.87
C GLU A 242 4.28 -2.02 -23.93
N LYS A 243 5.58 -2.27 -24.04
CA LYS A 243 6.09 -3.15 -25.07
C LYS A 243 6.45 -4.52 -24.50
N TYR A 244 6.59 -4.66 -23.16
CA TYR A 244 7.15 -5.88 -22.58
C TYR A 244 6.13 -7.01 -22.53
N GLU A 245 6.64 -8.23 -22.70
CA GLU A 245 5.83 -9.43 -22.52
C GLU A 245 5.79 -9.75 -21.03
N HIS A 246 4.58 -9.65 -20.48
CA HIS A 246 4.36 -9.80 -19.05
C HIS A 246 4.49 -11.28 -18.67
N ARG A 247 4.34 -12.19 -19.64
CA ARG A 247 4.54 -13.59 -19.31
C ARG A 247 6.01 -13.88 -19.02
N MET A 248 6.93 -13.05 -19.54
CA MET A 248 8.37 -13.20 -19.36
CA MET A 248 8.33 -13.38 -19.33
C MET A 248 8.76 -13.05 -17.89
N LEU A 249 7.90 -12.41 -17.11
CA LEU A 249 8.19 -12.19 -15.70
C LEU A 249 7.86 -13.46 -14.92
N LEU A 250 6.90 -14.20 -15.45
CA LEU A 250 6.30 -15.34 -14.79
C LEU A 250 7.00 -16.64 -15.17
N LYS A 251 8.23 -16.49 -15.70
CA LYS A 251 9.01 -17.58 -16.23
C LYS A 251 9.58 -18.35 -15.05
N HIS A 252 9.81 -17.62 -13.95
CA HIS A 252 10.34 -18.21 -12.72
C HIS A 252 9.30 -18.11 -11.62
N MET A 253 8.03 -17.83 -11.99
CA MET A 253 6.93 -17.68 -11.04
C MET A 253 5.86 -18.74 -11.28
N PRO A 254 5.18 -19.21 -10.21
CA PRO A 254 4.07 -20.17 -10.34
C PRO A 254 3.14 -20.03 -11.53
N SER A 255 2.67 -21.16 -12.08
CA SER A 255 1.88 -21.14 -13.31
C SER A 255 0.45 -20.65 -13.07
N GLU A 256 0.11 -20.37 -11.80
CA GLU A 256 -1.19 -19.80 -11.45
C GLU A 256 -1.25 -18.30 -11.71
N PHE A 257 -0.08 -17.68 -11.93
CA PHE A 257 0.04 -16.26 -12.18
C PHE A 257 -0.07 -15.95 -13.68
N HIS A 258 -0.37 -16.94 -14.53
CA HIS A 258 -0.77 -16.66 -15.90
C HIS A 258 -2.27 -16.30 -15.92
N LEU A 259 -2.97 -16.62 -14.83
CA LEU A 259 -4.38 -16.30 -14.74
C LEU A 259 -4.54 -14.87 -14.23
N PHE A 260 -3.89 -14.60 -13.10
CA PHE A 260 -3.89 -13.27 -12.50
C PHE A 260 -3.59 -12.26 -13.61
N LEU A 261 -2.59 -12.55 -14.44
CA LEU A 261 -2.20 -11.61 -15.49
C LEU A 261 -3.29 -11.50 -16.54
N ASP A 262 -3.91 -12.61 -16.95
CA ASP A 262 -4.92 -12.57 -18.01
C ASP A 262 -6.15 -11.78 -17.55
N HIS A 263 -6.41 -11.89 -16.23
CA HIS A 263 -7.62 -11.36 -15.63
C HIS A 263 -7.57 -9.84 -15.58
N ILE A 264 -6.42 -9.31 -15.17
CA ILE A 264 -6.29 -7.88 -14.99
C ILE A 264 -6.05 -7.22 -16.34
N ALA A 265 -5.43 -7.92 -17.30
CA ALA A 265 -5.25 -7.37 -18.64
C ALA A 265 -6.59 -7.25 -19.34
N SER A 266 -7.60 -7.94 -18.79
CA SER A 266 -8.95 -7.98 -19.33
C SER A 266 -9.94 -7.16 -18.49
N LEU A 267 -9.48 -6.11 -17.81
CA LEU A 267 -10.37 -5.28 -17.01
C LEU A 267 -10.23 -3.84 -17.51
N ASP A 268 -11.29 -3.05 -17.24
CA ASP A 268 -11.30 -1.60 -17.43
C ASP A 268 -11.66 -0.94 -16.10
N TYR A 269 -11.76 0.40 -16.10
CA TYR A 269 -12.21 1.21 -14.97
C TYR A 269 -13.42 0.57 -14.24
N PHE A 270 -14.45 0.25 -15.04
CA PHE A 270 -15.78 -0.06 -14.54
C PHE A 270 -15.80 -1.46 -13.94
N THR A 271 -15.39 -2.43 -14.75
CA THR A 271 -15.54 -3.84 -14.45
C THR A 271 -14.87 -4.16 -13.12
N LYS A 272 -15.67 -4.70 -12.20
CA LYS A 272 -15.21 -5.08 -10.87
C LYS A 272 -14.27 -6.27 -10.98
N PRO A 273 -13.15 -6.27 -10.23
CA PRO A 273 -12.24 -7.42 -10.24
C PRO A 273 -12.79 -8.60 -9.45
N ASP A 274 -12.36 -9.80 -9.85
CA ASP A 274 -12.61 -11.05 -9.16
C ASP A 274 -11.52 -11.32 -8.14
N TYR A 275 -11.82 -10.95 -6.88
CA TYR A 275 -10.82 -10.91 -5.82
C TYR A 275 -10.49 -12.33 -5.39
N GLN A 276 -11.50 -13.20 -5.49
CA GLN A 276 -11.44 -14.59 -5.07
C GLN A 276 -10.47 -15.35 -5.96
N LEU A 277 -10.62 -15.14 -7.28
CA LEU A 277 -9.72 -15.70 -8.26
C LEU A 277 -8.28 -15.44 -7.82
N ILE A 278 -7.95 -14.18 -7.55
CA ILE A 278 -6.56 -13.81 -7.29
C ILE A 278 -6.15 -14.36 -5.94
N MET A 279 -7.09 -14.46 -5.00
CA MET A 279 -6.83 -15.08 -3.72
C MET A 279 -6.55 -16.59 -3.86
N SER A 280 -7.00 -17.23 -4.95
CA SER A 280 -6.72 -18.64 -5.22
CA SER A 280 -6.72 -18.64 -5.22
C SER A 280 -5.32 -18.85 -5.84
N VAL A 281 -5.02 -18.04 -6.85
CA VAL A 281 -3.71 -18.11 -7.46
C VAL A 281 -2.64 -18.23 -6.38
N PHE A 282 -2.89 -17.56 -5.24
CA PHE A 282 -2.01 -17.58 -4.10
C PHE A 282 -2.18 -18.88 -3.33
N GLU A 283 -3.41 -19.21 -2.94
CA GLU A 283 -3.64 -20.37 -2.09
C GLU A 283 -3.36 -21.69 -2.81
N ASN A 284 -3.59 -21.75 -4.13
CA ASN A 284 -3.29 -22.93 -4.91
C ASN A 284 -1.78 -23.11 -5.01
N SER A 285 -1.11 -22.05 -5.46
CA SER A 285 0.34 -22.06 -5.60
C SER A 285 0.99 -22.40 -4.25
N MET A 286 0.41 -21.87 -3.17
CA MET A 286 0.90 -22.19 -1.84
C MET A 286 0.81 -23.70 -1.59
N LYS A 287 -0.29 -24.31 -2.07
CA LYS A 287 -0.61 -25.73 -1.84
C LYS A 287 0.29 -26.64 -2.66
N GLU A 288 0.38 -26.38 -3.97
CA GLU A 288 1.28 -27.12 -4.85
C GLU A 288 2.74 -26.90 -4.47
N ARG A 289 3.03 -26.67 -3.18
CA ARG A 289 4.36 -26.32 -2.72
C ARG A 289 4.51 -26.56 -1.22
N GLY A 290 3.48 -27.14 -0.59
CA GLY A 290 3.56 -27.52 0.81
C GLY A 290 3.81 -26.33 1.72
N ILE A 291 3.29 -25.15 1.32
CA ILE A 291 3.49 -23.91 2.06
C ILE A 291 2.29 -23.68 2.95
N ALA A 292 2.57 -23.54 4.26
CA ALA A 292 1.59 -23.34 5.31
C ALA A 292 1.61 -21.89 5.79
N GLU A 293 0.47 -21.40 6.29
CA GLU A 293 0.38 -20.03 6.76
C GLU A 293 1.18 -19.89 8.06
N ASN A 294 1.18 -20.96 8.87
CA ASN A 294 1.94 -21.01 10.11
C ASN A 294 3.45 -21.14 9.83
N GLU A 295 3.87 -20.88 8.59
CA GLU A 295 5.29 -20.83 8.29
C GLU A 295 5.87 -19.50 8.76
N ALA A 296 7.18 -19.52 9.03
CA ALA A 296 7.91 -18.32 9.37
C ALA A 296 8.04 -17.44 8.13
N PHE A 297 8.33 -16.16 8.35
CA PHE A 297 8.73 -15.27 7.28
C PHE A 297 10.25 -15.17 7.19
N ASP A 298 10.74 -14.80 6.00
CA ASP A 298 12.17 -14.67 5.74
C ASP A 298 12.88 -13.95 6.88
N TRP A 299 12.38 -12.80 7.31
CA TRP A 299 13.09 -11.99 8.29
C TRP A 299 13.06 -12.63 9.68
N GLU A 300 12.15 -13.57 9.92
CA GLU A 300 12.04 -14.19 11.24
C GLU A 300 13.27 -15.05 11.46
N LYS A 301 13.69 -15.18 12.72
CA LYS A 301 14.92 -15.92 13.04
C LYS A 301 14.59 -17.36 13.43
N ALA A 302 13.33 -17.77 13.26
CA ALA A 302 12.92 -19.15 13.45
C ALA A 302 13.60 -20.05 12.42
#